data_6DQR
#
_entry.id   6DQR
#
_cell.length_a   47.574
_cell.length_b   92.192
_cell.length_c   108.366
_cell.angle_alpha   90.000
_cell.angle_beta   90.000
_cell.angle_gamma   90.000
#
_symmetry.space_group_name_H-M   'P 21 21 21'
#
loop_
_entity.id
_entity.type
_entity.pdbx_description
1 polymer 'Periplasmic oligopeptide-binding protein'
2 polymer MET-GLY-GLY
3 non-polymer 'ACETATE ION'
4 non-polymer 'SULFATE ION'
5 water water
#
loop_
_entity_poly.entity_id
_entity_poly.type
_entity_poly.pdbx_seq_one_letter_code
_entity_poly.pdbx_strand_id
1 'polypeptide(L)'
;MVIVPEGTQLDEKQHIVINNGAEPQSFDPHKTEGVPESNVAYQLLEGLVTSDSEGKLQPGAAESWENTPDFKTWTFHLRK
DAKWSNGDPVTAHDFVFAWRRLVDPATAAPYASYLSYLQVENAQDIIDGKKKPAELGVEAKDDYTFVVHATNPVPYAVSL
TTHQSLLPLPQKVVEKLGDAWVKKENYVGNGAYKLANHIINEKIEFERNPLYWNDKETVINSATFLAIENPSTDVARYRA
GDLDMTSYGLPPEQFAKLKKELLGEVYVTRTLGTYSYELNNKKAPFDNVNIRKALNLSLDRNVITDKVLGQGQTPTYVFT
PTYIEEGHLIQQPAYSKEPMAQRNEEAIKLLEEAGYSKANPLKFSILYNTNENHKKVAIAAASMWKANTKGLIDVKLENQ
EWKTYIDSRRAGRYDVARAGWHADYNQATTFGNYFLSNSSNNTAKYANPEYDKAMAESYAATDAEGRAKAYAKAEEILGK
DYGIVPIFNYVNPRLVKPYVKGYSGKDPQDHIYLRNLYIIKHLEHHHHHH
;
A
2 'polypeptide(L)' MGG B
#
# COMPACT_ATOMS: atom_id res chain seq x y z
N THR A 8 22.53 22.60 -19.62
CA THR A 8 22.86 22.21 -18.21
C THR A 8 22.71 20.69 -18.04
N GLN A 9 23.81 19.98 -17.76
CA GLN A 9 23.94 18.55 -18.10
C GLN A 9 23.69 17.55 -16.97
N LEU A 10 23.88 16.27 -17.30
CA LEU A 10 23.96 15.18 -16.33
C LEU A 10 25.20 15.27 -15.46
N ASP A 11 25.06 15.01 -14.17
CA ASP A 11 26.22 14.94 -13.30
C ASP A 11 27.03 13.70 -13.61
N GLU A 12 28.31 13.80 -13.34
CA GLU A 12 29.24 12.70 -13.51
C GLU A 12 28.81 11.59 -12.62
N LYS A 13 28.53 11.89 -11.36
CA LYS A 13 28.36 10.87 -10.30
C LYS A 13 27.11 9.94 -10.33
N GLN A 14 25.93 10.53 -10.34
CA GLN A 14 24.67 9.73 -10.32
C GLN A 14 24.52 8.78 -9.11
N HIS A 15 24.55 9.41 -7.95
CA HIS A 15 24.27 8.78 -6.68
C HIS A 15 23.09 9.54 -6.11
N ILE A 16 22.27 8.88 -5.31
CA ILE A 16 21.11 9.55 -4.74
C ILE A 16 20.79 8.93 -3.42
N VAL A 17 20.42 9.77 -2.47
CA VAL A 17 20.05 9.31 -1.16
C VAL A 17 18.59 9.63 -0.91
N ILE A 18 17.82 8.61 -0.50
CA ILE A 18 16.37 8.72 -0.36
C ILE A 18 15.93 8.15 0.98
N ASN A 19 15.03 8.86 1.65
CA ASN A 19 14.44 8.31 2.86
C ASN A 19 13.32 7.34 2.52
N ASN A 20 13.47 6.12 3.01
CA ASN A 20 12.50 5.06 2.79
C ASN A 20 11.69 4.89 4.06
N GLY A 21 12.05 5.55 5.16
CA GLY A 21 11.09 5.78 6.24
C GLY A 21 11.04 4.80 7.37
N ALA A 22 11.47 3.57 7.11
CA ALA A 22 11.47 2.49 8.10
C ALA A 22 12.31 1.34 7.61
N GLU A 23 12.76 0.53 8.56
CA GLU A 23 13.40 -0.72 8.26
C GLU A 23 12.33 -1.72 7.73
N PRO A 24 12.55 -2.27 6.54
CA PRO A 24 11.61 -3.20 5.94
C PRO A 24 11.51 -4.49 6.71
N GLN A 25 10.30 -5.06 6.80
CA GLN A 25 10.12 -6.42 7.40
C GLN A 25 10.98 -7.49 6.70
N SER A 26 11.07 -7.43 5.37
CA SER A 26 11.74 -8.48 4.58
C SER A 26 11.94 -7.97 3.18
N PHE A 27 12.90 -8.55 2.44
CA PHE A 27 13.04 -8.31 0.99
C PHE A 27 12.39 -9.39 0.10
N ASP A 28 11.61 -10.29 0.72
CA ASP A 28 10.90 -11.35 0.00
C ASP A 28 9.52 -10.78 -0.30
N PRO A 29 9.17 -10.57 -1.58
CA PRO A 29 7.92 -9.87 -1.86
C PRO A 29 6.68 -10.66 -1.53
N HIS A 30 6.86 -11.92 -1.16
CA HIS A 30 5.75 -12.72 -0.66
C HIS A 30 5.56 -12.68 0.83
N LYS A 31 6.40 -11.98 1.56
CA LYS A 31 6.31 -11.97 3.03
C LYS A 31 5.93 -10.62 3.59
N THR A 32 5.44 -9.72 2.78
CA THR A 32 5.27 -8.35 3.22
C THR A 32 4.11 -7.68 2.52
N GLU A 33 3.66 -6.57 3.05
CA GLU A 33 2.59 -5.81 2.41
C GLU A 33 2.78 -4.29 2.52
N GLY A 34 3.96 -3.86 2.97
CA GLY A 34 4.18 -2.44 3.25
C GLY A 34 4.88 -1.68 2.17
N VAL A 35 4.77 -0.35 2.20
CA VAL A 35 5.47 0.52 1.29
C VAL A 35 7.02 0.49 1.42
N PRO A 36 7.56 0.54 2.65
CA PRO A 36 9.03 0.44 2.68
C PRO A 36 9.52 -0.84 1.99
N GLU A 37 8.81 -1.95 2.14
CA GLU A 37 9.24 -3.22 1.56
C GLU A 37 9.14 -3.19 0.05
N SER A 38 8.01 -2.68 -0.46
CA SER A 38 7.80 -2.65 -1.88
C SER A 38 8.78 -1.74 -2.59
N ASN A 39 9.09 -0.60 -2.00
CA ASN A 39 10.09 0.33 -2.53
C ASN A 39 11.44 -0.36 -2.76
N VAL A 40 11.83 -1.23 -1.83
CA VAL A 40 13.07 -1.99 -2.00
C VAL A 40 12.90 -3.03 -3.12
N ALA A 41 11.80 -3.77 -3.07
CA ALA A 41 11.57 -4.86 -4.06
C ALA A 41 11.52 -4.36 -5.47
N TYR A 42 10.99 -3.15 -5.65
CA TYR A 42 10.81 -2.58 -6.99
C TYR A 42 12.12 -2.16 -7.65
N GLN A 43 13.16 -1.94 -6.84
CA GLN A 43 14.52 -1.75 -7.37
C GLN A 43 15.17 -3.06 -7.76
N LEU A 44 14.85 -4.13 -7.09
CA LEU A 44 15.62 -5.39 -7.23
C LEU A 44 14.96 -6.42 -8.16
N LEU A 45 13.66 -6.27 -8.40
CA LEU A 45 12.88 -7.23 -9.19
C LEU A 45 11.95 -6.43 -10.12
N GLU A 46 11.43 -7.05 -11.16
CA GLU A 46 10.54 -6.38 -12.11
C GLU A 46 9.59 -7.38 -12.67
N GLY A 47 8.31 -7.06 -12.53
CA GLY A 47 7.26 -7.91 -12.99
C GLY A 47 6.96 -7.75 -14.46
N LEU A 48 5.83 -8.30 -14.86
CA LEU A 48 5.50 -8.36 -16.30
C LEU A 48 5.48 -6.99 -16.92
N VAL A 49 5.03 -6.03 -16.16
CA VAL A 49 4.92 -4.67 -16.62
C VAL A 49 5.30 -3.76 -15.47
N THR A 50 5.74 -2.56 -15.82
CA THR A 50 6.17 -1.58 -14.80
C THR A 50 5.65 -0.20 -15.21
N SER A 51 6.13 0.86 -14.57
CA SER A 51 5.55 2.18 -14.80
C SER A 51 6.58 3.30 -14.91
N ASP A 52 6.14 4.41 -15.49
CA ASP A 52 7.03 5.55 -15.64
C ASP A 52 6.83 6.49 -14.46
N SER A 53 7.45 7.65 -14.51
CA SER A 53 7.36 8.65 -13.44
C SER A 53 5.94 9.16 -13.13
N GLU A 54 5.01 8.92 -14.03
CA GLU A 54 3.64 9.40 -13.83
C GLU A 54 2.65 8.29 -13.73
N GLY A 55 3.15 7.09 -13.47
CA GLY A 55 2.30 5.97 -13.13
C GLY A 55 1.85 5.25 -14.38
N LYS A 56 2.22 5.75 -15.55
CA LYS A 56 1.77 5.12 -16.78
C LYS A 56 2.50 3.81 -17.08
N LEU A 57 1.80 2.84 -17.66
CA LEU A 57 2.36 1.50 -17.82
C LEU A 57 3.31 1.35 -19.01
N GLN A 58 4.36 0.58 -18.80
CA GLN A 58 5.34 0.31 -19.83
C GLN A 58 5.91 -1.12 -19.70
N PRO A 59 6.53 -1.67 -20.76
CA PRO A 59 6.97 -3.06 -20.74
C PRO A 59 7.99 -3.33 -19.61
N GLY A 60 7.93 -4.50 -19.01
CA GLY A 60 8.89 -4.88 -17.96
C GLY A 60 9.53 -6.14 -18.45
N ALA A 61 9.28 -7.22 -17.76
CA ALA A 61 9.81 -8.50 -18.13
C ALA A 61 9.14 -9.03 -19.40
N ALA A 62 7.89 -8.61 -19.59
CA ALA A 62 7.15 -8.87 -20.82
C ALA A 62 7.42 -7.74 -21.79
N GLU A 63 7.86 -8.08 -22.98
CA GLU A 63 8.02 -7.05 -24.00
C GLU A 63 6.70 -6.81 -24.81
N SER A 64 5.77 -7.75 -24.78
CA SER A 64 4.47 -7.60 -25.41
C SER A 64 3.44 -8.45 -24.66
N TRP A 65 2.17 -8.19 -24.93
CA TRP A 65 1.08 -8.90 -24.29
C TRP A 65 -0.22 -8.58 -24.99
N GLU A 66 -1.20 -9.46 -24.76
CA GLU A 66 -2.50 -9.27 -25.35
C GLU A 66 -3.54 -9.97 -24.49
N ASN A 67 -4.78 -9.69 -24.81
CA ASN A 67 -5.89 -10.31 -24.14
C ASN A 67 -6.92 -10.79 -25.16
N THR A 68 -7.67 -11.83 -24.79
CA THR A 68 -8.84 -12.22 -25.56
C THR A 68 -9.96 -11.17 -25.40
N PRO A 69 -10.92 -11.12 -26.31
CA PRO A 69 -11.96 -10.04 -26.23
C PRO A 69 -12.83 -10.06 -24.97
N ASP A 70 -13.01 -11.24 -24.38
CA ASP A 70 -13.74 -11.37 -23.12
C ASP A 70 -12.94 -10.97 -21.83
N PHE A 71 -11.70 -10.51 -21.98
CA PHE A 71 -10.80 -10.15 -20.87
C PHE A 71 -10.52 -11.26 -19.86
N LYS A 72 -10.58 -12.50 -20.32
CA LYS A 72 -10.36 -13.62 -19.42
C LYS A 72 -9.04 -14.30 -19.64
N THR A 73 -8.40 -14.07 -20.79
CA THR A 73 -7.11 -14.67 -21.11
C THR A 73 -6.07 -13.62 -21.47
N TRP A 74 -4.95 -13.68 -20.76
CA TRP A 74 -3.93 -12.70 -20.87
C TRP A 74 -2.63 -13.44 -21.13
N THR A 75 -1.97 -13.02 -22.18
CA THR A 75 -0.80 -13.70 -22.71
C THR A 75 0.33 -12.71 -22.75
N PHE A 76 1.44 -13.08 -22.09
CA PHE A 76 2.59 -12.23 -21.98
C PHE A 76 3.76 -12.85 -22.69
N HIS A 77 4.46 -12.05 -23.49
CA HIS A 77 5.64 -12.53 -24.21
C HIS A 77 6.87 -12.01 -23.52
N LEU A 78 7.63 -12.93 -22.94
CA LEU A 78 8.85 -12.57 -22.21
C LEU A 78 10.06 -12.41 -23.11
N ARG A 79 11.04 -11.67 -22.64
CA ARG A 79 12.24 -11.40 -23.41
C ARG A 79 13.13 -12.62 -23.48
N LYS A 80 13.44 -13.05 -24.69
CA LYS A 80 14.19 -14.27 -24.91
C LYS A 80 15.63 -14.23 -24.38
N ASP A 81 16.21 -13.06 -24.25
CA ASP A 81 17.59 -12.96 -23.77
C ASP A 81 17.74 -12.41 -22.34
N ALA A 82 16.63 -12.23 -21.63
CA ALA A 82 16.68 -11.57 -20.34
C ALA A 82 17.22 -12.55 -19.30
N LYS A 83 17.97 -12.02 -18.36
CA LYS A 83 18.71 -12.86 -17.42
C LYS A 83 18.50 -12.34 -16.04
N TRP A 84 18.42 -13.22 -15.07
CA TRP A 84 18.55 -12.80 -13.71
C TRP A 84 19.95 -12.20 -13.49
N SER A 85 20.12 -11.52 -12.37
CA SER A 85 21.36 -10.86 -12.07
C SER A 85 22.57 -11.83 -11.91
N ASN A 86 22.32 -13.08 -11.55
CA ASN A 86 23.38 -14.11 -11.57
C ASN A 86 23.61 -14.76 -12.95
N GLY A 87 22.85 -14.33 -13.98
CA GLY A 87 22.96 -14.89 -15.33
C GLY A 87 22.04 -16.06 -15.73
N ASP A 88 21.23 -16.58 -14.81
CA ASP A 88 20.22 -17.57 -15.15
C ASP A 88 19.19 -16.92 -16.11
N PRO A 89 18.59 -17.68 -17.01
CA PRO A 89 17.51 -17.07 -17.83
C PRO A 89 16.26 -16.73 -17.02
N VAL A 90 15.68 -15.58 -17.28
CA VAL A 90 14.30 -15.28 -16.82
C VAL A 90 13.28 -15.96 -17.75
N THR A 91 12.46 -16.87 -17.22
CA THR A 91 11.51 -17.63 -18.06
C THR A 91 10.12 -17.54 -17.47
N ALA A 92 9.11 -17.96 -18.24
CA ALA A 92 7.75 -18.03 -17.73
C ALA A 92 7.66 -18.96 -16.55
N HIS A 93 8.54 -19.93 -16.48
CA HIS A 93 8.56 -20.83 -15.32
C HIS A 93 8.80 -20.06 -14.04
N ASP A 94 9.64 -19.03 -14.06
CA ASP A 94 9.85 -18.22 -12.87
C ASP A 94 8.59 -17.50 -12.39
N PHE A 95 7.79 -17.01 -13.34
CA PHE A 95 6.51 -16.40 -13.02
C PHE A 95 5.49 -17.43 -12.52
N VAL A 96 5.40 -18.58 -13.15
CA VAL A 96 4.60 -19.66 -12.64
C VAL A 96 5.03 -20.00 -11.21
N PHE A 97 6.32 -20.27 -11.01
CA PHE A 97 6.81 -20.61 -9.66
C PHE A 97 6.41 -19.55 -8.65
N ALA A 98 6.69 -18.29 -8.97
CA ALA A 98 6.39 -17.25 -7.99
C ALA A 98 4.92 -17.07 -7.66
N TRP A 99 4.05 -17.15 -8.68
CA TRP A 99 2.63 -16.85 -8.45
C TRP A 99 1.99 -18.01 -7.69
N ARG A 100 2.44 -19.23 -7.96
CA ARG A 100 2.07 -20.37 -7.16
C ARG A 100 2.49 -20.20 -5.71
N ARG A 101 3.70 -19.71 -5.49
CA ARG A 101 4.19 -19.56 -4.10
C ARG A 101 3.39 -18.51 -3.32
N LEU A 102 2.93 -17.48 -4.05
CA LEU A 102 2.18 -16.44 -3.46
C LEU A 102 0.95 -17.02 -2.82
N VAL A 103 0.32 -18.00 -3.47
CA VAL A 103 -0.97 -18.50 -3.01
C VAL A 103 -0.86 -19.76 -2.17
N ASP A 104 0.25 -20.47 -2.25
CA ASP A 104 0.48 -21.61 -1.40
C ASP A 104 0.23 -21.11 0.02
N PRO A 105 -0.68 -21.79 0.76
CA PRO A 105 -0.81 -21.40 2.16
C PRO A 105 0.48 -21.57 2.99
N ALA A 106 1.36 -22.50 2.63
CA ALA A 106 2.58 -22.70 3.40
C ALA A 106 3.47 -21.45 3.41
N THR A 107 3.34 -20.60 2.40
CA THR A 107 4.11 -19.35 2.31
C THR A 107 3.50 -18.30 3.24
N ALA A 108 2.24 -18.49 3.56
CA ALA A 108 1.52 -17.56 4.42
C ALA A 108 1.66 -16.09 3.99
N ALA A 109 1.60 -15.82 2.70
CA ALA A 109 1.74 -14.42 2.21
C ALA A 109 0.61 -13.48 2.66
N PRO A 110 0.95 -12.27 3.13
CA PRO A 110 -0.10 -11.29 3.39
C PRO A 110 -0.91 -10.93 2.16
N TYR A 111 -0.26 -11.02 1.00
CA TYR A 111 -0.93 -10.67 -0.26
C TYR A 111 -1.39 -11.92 -1.02
N ALA A 112 -1.42 -13.07 -0.35
CA ALA A 112 -1.91 -14.29 -0.96
C ALA A 112 -3.19 -14.01 -1.81
N SER A 113 -4.07 -13.17 -1.30
CA SER A 113 -5.37 -12.92 -1.96
C SER A 113 -5.28 -12.16 -3.22
N TYR A 114 -4.09 -11.65 -3.52
CA TYR A 114 -3.98 -10.76 -4.69
C TYR A 114 -4.40 -11.42 -6.03
N LEU A 115 -4.07 -12.69 -6.19
CA LEU A 115 -4.43 -13.42 -7.42
C LEU A 115 -5.90 -13.77 -7.50
N SER A 116 -6.54 -13.86 -6.33
CA SER A 116 -8.00 -13.95 -6.23
C SER A 116 -8.64 -12.63 -6.70
N TYR A 117 -8.04 -11.49 -6.36
CA TYR A 117 -8.52 -10.23 -6.90
C TYR A 117 -8.46 -10.20 -8.42
N LEU A 118 -7.38 -10.76 -8.97
CA LEU A 118 -7.20 -10.90 -10.42
C LEU A 118 -8.08 -11.99 -11.06
N GLN A 119 -8.70 -12.82 -10.22
CA GLN A 119 -9.71 -13.81 -10.61
C GLN A 119 -9.04 -14.97 -11.31
N VAL A 120 -7.81 -15.28 -10.93
CA VAL A 120 -7.13 -16.33 -11.62
C VAL A 120 -7.82 -17.62 -11.25
N GLU A 121 -8.05 -18.49 -12.22
CA GLU A 121 -8.70 -19.76 -11.95
C GLU A 121 -8.00 -20.54 -10.83
N ASN A 122 -8.80 -21.05 -9.90
CA ASN A 122 -8.35 -21.78 -8.72
C ASN A 122 -7.56 -21.04 -7.66
N ALA A 123 -7.34 -19.74 -7.82
CA ALA A 123 -6.55 -18.97 -6.83
C ALA A 123 -7.16 -19.02 -5.43
N GLN A 124 -8.44 -18.68 -5.35
CA GLN A 124 -9.18 -18.79 -4.08
C GLN A 124 -9.16 -20.19 -3.45
N ASP A 125 -9.36 -21.22 -4.26
CA ASP A 125 -9.32 -22.59 -3.76
C ASP A 125 -7.97 -22.99 -3.29
N ILE A 126 -6.93 -22.44 -3.87
CA ILE A 126 -5.58 -22.81 -3.45
C ILE A 126 -5.32 -22.16 -2.11
N ILE A 127 -5.72 -20.89 -2.02
CA ILE A 127 -5.61 -20.12 -0.78
C ILE A 127 -6.40 -20.81 0.33
N ASP A 128 -7.62 -21.25 0.02
CA ASP A 128 -8.50 -21.93 1.00
C ASP A 128 -8.09 -23.35 1.22
N GLY A 129 -6.96 -23.78 0.67
CA GLY A 129 -6.46 -25.16 0.86
C GLY A 129 -7.15 -26.31 0.12
N LYS A 130 -8.14 -25.99 -0.72
CA LYS A 130 -8.94 -26.99 -1.47
C LYS A 130 -8.25 -27.62 -2.71
N LYS A 131 -7.30 -26.88 -3.31
CA LYS A 131 -6.46 -27.38 -4.43
C LYS A 131 -5.00 -27.09 -4.16
N LYS A 132 -4.14 -27.88 -4.77
CA LYS A 132 -2.68 -27.68 -4.72
C LYS A 132 -2.28 -26.44 -5.55
N PRO A 133 -1.16 -25.79 -5.17
CA PRO A 133 -0.68 -24.60 -5.88
C PRO A 133 -0.50 -24.85 -7.37
N ALA A 134 -0.04 -26.05 -7.72
CA ALA A 134 0.15 -26.41 -9.12
C ALA A 134 -1.12 -26.41 -10.01
N GLU A 135 -2.28 -26.12 -9.44
CA GLU A 135 -3.53 -26.16 -10.16
C GLU A 135 -3.97 -24.75 -10.47
N LEU A 136 -3.14 -23.79 -10.11
CA LEU A 136 -3.40 -22.39 -10.40
C LEU A 136 -3.42 -22.15 -11.89
N GLY A 137 -4.36 -21.30 -12.32
CA GLY A 137 -4.62 -21.05 -13.74
C GLY A 137 -3.64 -20.15 -14.46
N VAL A 138 -2.34 -20.40 -14.24
CA VAL A 138 -1.29 -19.76 -15.02
C VAL A 138 -0.34 -20.82 -15.53
N GLU A 139 0.33 -20.54 -16.65
CA GLU A 139 1.12 -21.55 -17.32
C GLU A 139 2.20 -20.93 -18.17
N ALA A 140 3.26 -21.69 -18.33
CA ALA A 140 4.33 -21.41 -19.29
C ALA A 140 3.97 -22.24 -20.53
N LYS A 141 3.32 -21.61 -21.49
CA LYS A 141 2.98 -22.29 -22.70
C LYS A 141 4.28 -22.68 -23.44
N ASP A 142 5.31 -21.84 -23.32
CA ASP A 142 6.72 -22.26 -23.52
C ASP A 142 7.62 -21.44 -22.58
N ASP A 143 8.93 -21.41 -22.79
CA ASP A 143 9.78 -20.75 -21.84
C ASP A 143 9.62 -19.26 -21.76
N TYR A 144 9.05 -18.66 -22.79
CA TYR A 144 8.96 -17.23 -22.87
C TYR A 144 7.54 -16.74 -23.19
N THR A 145 6.56 -17.60 -22.93
CA THR A 145 5.13 -17.25 -23.02
C THR A 145 4.41 -17.66 -21.71
N PHE A 146 3.95 -16.68 -20.96
CA PHE A 146 3.28 -16.86 -19.68
C PHE A 146 1.84 -16.48 -19.93
N VAL A 147 0.91 -17.36 -19.51
CA VAL A 147 -0.51 -17.17 -19.81
C VAL A 147 -1.29 -17.26 -18.52
N VAL A 148 -2.18 -16.29 -18.34
CA VAL A 148 -3.01 -16.12 -17.18
C VAL A 148 -4.45 -16.33 -17.60
N HIS A 149 -5.11 -17.25 -16.90
CA HIS A 149 -6.48 -17.56 -17.19
C HIS A 149 -7.35 -17.14 -16.03
N ALA A 150 -8.32 -16.25 -16.30
CA ALA A 150 -9.22 -15.73 -15.29
C ALA A 150 -10.66 -16.23 -15.48
N THR A 151 -11.33 -16.47 -14.34
CA THR A 151 -12.68 -16.99 -14.34
C THR A 151 -13.72 -15.91 -14.63
N ASN A 152 -13.45 -14.66 -14.31
CA ASN A 152 -14.30 -13.56 -14.74
C ASN A 152 -13.51 -12.58 -15.56
N PRO A 153 -14.19 -11.76 -16.36
CA PRO A 153 -13.52 -10.65 -17.04
C PRO A 153 -12.79 -9.67 -16.09
N VAL A 154 -11.54 -9.34 -16.45
CA VAL A 154 -10.74 -8.42 -15.67
C VAL A 154 -10.02 -7.51 -16.64
N PRO A 155 -10.73 -6.49 -17.15
CA PRO A 155 -10.16 -5.60 -18.16
C PRO A 155 -9.02 -4.75 -17.66
N TYR A 156 -8.91 -4.56 -16.36
CA TYR A 156 -7.84 -3.79 -15.76
C TYR A 156 -6.65 -4.73 -15.31
N ALA A 157 -6.54 -5.91 -15.88
CA ALA A 157 -5.59 -6.92 -15.38
C ALA A 157 -4.11 -6.54 -15.54
N VAL A 158 -3.77 -5.88 -16.65
CA VAL A 158 -2.40 -5.52 -16.90
C VAL A 158 -1.90 -4.62 -15.75
N SER A 159 -2.72 -3.65 -15.38
CA SER A 159 -2.34 -2.73 -14.31
C SER A 159 -2.14 -3.43 -12.96
N LEU A 160 -2.88 -4.51 -12.70
CA LEU A 160 -2.58 -5.31 -11.51
C LEU A 160 -1.22 -5.96 -11.52
N THR A 161 -0.72 -6.33 -12.70
CA THR A 161 0.53 -7.07 -12.76
C THR A 161 1.76 -6.26 -12.28
N THR A 162 1.62 -4.95 -12.11
CA THR A 162 2.73 -4.17 -11.63
C THR A 162 3.06 -4.34 -10.13
N HIS A 163 2.19 -5.00 -9.39
CA HIS A 163 2.30 -5.07 -7.95
C HIS A 163 3.48 -5.91 -7.41
N GLN A 164 4.03 -5.51 -6.27
CA GLN A 164 5.17 -6.23 -5.65
C GLN A 164 4.89 -7.70 -5.49
N SER A 165 3.64 -8.07 -5.16
CA SER A 165 3.26 -9.49 -4.91
C SER A 165 3.34 -10.41 -6.15
N LEU A 166 3.28 -9.83 -7.33
CA LEU A 166 3.36 -10.55 -8.59
C LEU A 166 4.75 -10.48 -9.24
N LEU A 167 5.74 -9.98 -8.53
CA LEU A 167 7.11 -10.01 -9.02
C LEU A 167 7.53 -11.45 -9.20
N PRO A 168 8.34 -11.74 -10.21
CA PRO A 168 8.80 -13.09 -10.33
C PRO A 168 9.91 -13.33 -9.30
N LEU A 169 10.30 -14.59 -9.14
CA LEU A 169 11.45 -14.99 -8.31
C LEU A 169 12.34 -15.97 -9.06
N PRO A 170 13.62 -15.99 -8.71
CA PRO A 170 14.48 -16.94 -9.37
C PRO A 170 14.32 -18.33 -8.77
N GLN A 171 13.44 -19.09 -9.39
CA GLN A 171 13.14 -20.46 -8.99
C GLN A 171 14.35 -21.34 -8.65
N LYS A 172 15.30 -21.48 -9.56
CA LYS A 172 16.49 -22.26 -9.29
C LYS A 172 17.13 -21.88 -7.93
N VAL A 173 17.30 -20.58 -7.71
CA VAL A 173 17.88 -20.10 -6.45
C VAL A 173 16.96 -20.34 -5.25
N VAL A 174 15.71 -19.90 -5.31
CA VAL A 174 14.82 -20.02 -4.17
C VAL A 174 14.60 -21.47 -3.76
N GLU A 175 14.52 -22.38 -4.74
CA GLU A 175 14.36 -23.82 -4.48
C GLU A 175 15.58 -24.40 -3.82
N LYS A 176 16.75 -24.03 -4.30
CA LYS A 176 17.98 -24.53 -3.72
C LYS A 176 18.20 -23.95 -2.31
N LEU A 177 17.90 -22.67 -2.06
CA LEU A 177 18.36 -22.00 -0.84
C LEU A 177 17.26 -21.77 0.18
N GLY A 178 16.04 -22.15 -0.14
CA GLY A 178 14.93 -21.90 0.75
C GLY A 178 14.77 -20.41 0.96
N ASP A 179 14.40 -20.01 2.15
CA ASP A 179 14.21 -18.58 2.41
C ASP A 179 15.50 -17.84 2.69
N ALA A 180 16.63 -18.56 2.76
CA ALA A 180 17.97 -17.93 2.80
C ALA A 180 18.35 -17.20 1.49
N TRP A 181 17.46 -17.32 0.51
CA TRP A 181 17.63 -16.69 -0.79
C TRP A 181 17.62 -15.20 -0.65
N VAL A 182 16.91 -14.72 0.36
CA VAL A 182 16.70 -13.27 0.58
C VAL A 182 17.89 -12.57 1.17
N LYS A 183 18.79 -13.30 1.78
CA LYS A 183 20.01 -12.71 2.30
C LYS A 183 20.78 -11.99 1.20
N LYS A 184 21.42 -10.87 1.55
CA LYS A 184 22.17 -10.01 0.62
C LYS A 184 23.18 -10.77 -0.20
N GLU A 185 23.72 -11.84 0.38
CA GLU A 185 24.80 -12.58 -0.24
C GLU A 185 24.25 -13.51 -1.30
N ASN A 186 22.98 -13.87 -1.18
CA ASN A 186 22.32 -14.77 -2.11
C ASN A 186 21.22 -14.09 -2.98
N TYR A 187 20.88 -12.83 -2.75
CA TYR A 187 19.70 -12.26 -3.43
C TYR A 187 19.94 -12.19 -4.92
N VAL A 188 19.08 -12.82 -5.70
CA VAL A 188 19.15 -12.72 -7.14
C VAL A 188 17.84 -12.06 -7.62
N GLY A 189 17.94 -11.18 -8.61
CA GLY A 189 16.78 -10.42 -9.07
C GLY A 189 16.93 -9.94 -10.50
N ASN A 190 15.86 -9.38 -11.06
CA ASN A 190 15.80 -9.02 -12.44
C ASN A 190 15.42 -7.55 -12.66
N GLY A 191 15.57 -6.73 -11.62
CA GLY A 191 15.29 -5.31 -11.68
C GLY A 191 16.52 -4.53 -12.05
N ALA A 192 16.45 -3.22 -11.92
CA ALA A 192 17.52 -2.42 -12.41
C ALA A 192 18.70 -2.35 -11.47
N TYR A 193 18.51 -2.75 -10.20
CA TYR A 193 19.50 -2.55 -9.18
C TYR A 193 19.73 -3.85 -8.44
N LYS A 194 20.83 -3.91 -7.68
CA LYS A 194 21.07 -5.06 -6.79
C LYS A 194 21.62 -4.60 -5.44
N LEU A 195 21.49 -5.43 -4.40
CA LEU A 195 21.86 -5.00 -3.07
C LEU A 195 23.37 -4.92 -3.00
N ALA A 196 23.92 -3.76 -2.61
CA ALA A 196 25.35 -3.62 -2.30
C ALA A 196 25.59 -3.80 -0.83
N ASN A 197 24.68 -3.31 -0.01
CA ASN A 197 24.84 -3.40 1.47
C ASN A 197 23.48 -3.22 2.18
N HIS A 198 23.40 -3.81 3.36
CA HIS A 198 22.23 -3.63 4.21
C HIS A 198 22.71 -3.59 5.61
N ILE A 199 22.61 -2.42 6.26
CA ILE A 199 22.77 -2.31 7.71
C ILE A 199 21.41 -2.03 8.35
N ILE A 200 20.98 -2.97 9.17
CA ILE A 200 19.71 -2.89 9.90
C ILE A 200 19.51 -1.58 10.69
N ASN A 201 18.41 -0.90 10.37
CA ASN A 201 18.05 0.39 10.97
C ASN A 201 18.95 1.52 10.55
N GLU A 202 19.73 1.35 9.50
CA GLU A 202 20.61 2.43 9.02
C GLU A 202 20.45 2.72 7.54
N LYS A 203 20.84 1.76 6.71
CA LYS A 203 20.82 1.99 5.28
C LYS A 203 20.76 0.72 4.47
N ILE A 204 20.14 0.88 3.31
CA ILE A 204 20.27 -0.07 2.21
C ILE A 204 20.96 0.64 1.08
N GLU A 205 21.96 -0.01 0.48
CA GLU A 205 22.70 0.54 -0.65
C GLU A 205 22.44 -0.33 -1.86
N PHE A 206 22.07 0.34 -2.96
CA PHE A 206 21.86 -0.26 -4.24
C PHE A 206 22.97 0.09 -5.23
N GLU A 207 23.24 -0.84 -6.13
CA GLU A 207 24.11 -0.63 -7.26
C GLU A 207 23.42 -1.16 -8.47
N ARG A 208 23.84 -0.66 -9.60
CA ARG A 208 23.37 -1.04 -10.89
C ARG A 208 23.44 -2.54 -11.08
N ASN A 209 22.35 -3.15 -11.55
CA ASN A 209 22.37 -4.49 -12.06
C ASN A 209 22.66 -4.43 -13.57
N PRO A 210 23.92 -4.70 -13.95
CA PRO A 210 24.20 -4.53 -15.36
C PRO A 210 23.58 -5.64 -16.22
N LEU A 211 22.96 -6.65 -15.64
CA LEU A 211 22.29 -7.65 -16.48
C LEU A 211 20.81 -7.28 -16.66
N TYR A 212 20.36 -6.21 -16.05
CA TYR A 212 18.97 -5.73 -16.34
C TYR A 212 18.82 -5.57 -17.87
N TRP A 213 17.80 -6.16 -18.45
CA TRP A 213 17.44 -5.94 -19.86
C TRP A 213 17.54 -4.50 -20.30
N ASN A 214 17.20 -3.59 -19.43
CA ASN A 214 17.21 -2.17 -19.83
C ASN A 214 18.22 -1.33 -19.13
N ASP A 215 19.33 -1.96 -18.70
CA ASP A 215 20.41 -1.24 -18.08
C ASP A 215 20.92 -0.09 -18.93
N LYS A 216 20.90 -0.26 -20.24
CA LYS A 216 21.33 0.82 -21.14
C LYS A 216 20.59 2.14 -20.89
N GLU A 217 19.38 2.11 -20.31
CA GLU A 217 18.63 3.36 -20.01
C GLU A 217 18.71 3.81 -18.56
N THR A 218 19.29 3.01 -17.67
CA THR A 218 19.36 3.39 -16.30
C THR A 218 20.45 4.44 -16.18
N VAL A 219 20.19 5.53 -15.46
CA VAL A 219 21.15 6.62 -15.21
C VAL A 219 21.76 6.58 -13.82
N ILE A 220 20.94 6.46 -12.78
CA ILE A 220 21.44 6.45 -11.40
C ILE A 220 22.32 5.19 -11.23
N ASN A 221 23.54 5.39 -10.74
CA ASN A 221 24.48 4.31 -10.58
C ASN A 221 24.37 3.65 -9.24
N SER A 222 24.21 4.44 -8.20
CA SER A 222 24.07 3.88 -6.87
C SER A 222 23.09 4.71 -6.08
N ALA A 223 22.55 4.12 -5.03
CA ALA A 223 21.60 4.83 -4.23
C ALA A 223 21.62 4.24 -2.84
N THR A 224 21.28 5.08 -1.89
CA THR A 224 21.09 4.68 -0.54
C THR A 224 19.64 4.97 -0.11
N PHE A 225 19.04 3.98 0.55
CA PHE A 225 17.75 4.13 1.24
C PHE A 225 18.04 4.27 2.71
N LEU A 226 17.62 5.39 3.29
CA LEU A 226 17.63 5.54 4.73
C LEU A 226 16.30 5.07 5.36
N ALA A 227 16.35 4.84 6.67
CA ALA A 227 15.17 4.45 7.49
C ALA A 227 14.89 5.42 8.63
N ILE A 228 14.58 6.66 8.27
CA ILE A 228 14.29 7.70 9.22
C ILE A 228 12.79 7.78 9.45
N GLU A 229 12.37 7.43 10.67
CA GLU A 229 10.96 7.27 11.02
C GLU A 229 10.25 8.59 11.19
N ASN A 230 10.96 9.59 11.72
CA ASN A 230 10.36 10.87 12.05
C ASN A 230 10.57 11.92 10.97
N PRO A 231 9.50 12.47 10.42
CA PRO A 231 9.59 13.48 9.35
C PRO A 231 10.44 14.72 9.64
N SER A 232 10.46 15.19 10.89
CA SER A 232 11.34 16.30 11.26
C SER A 232 12.80 15.94 11.04
N THR A 233 13.18 14.72 11.43
CA THR A 233 14.56 14.28 11.24
C THR A 233 14.87 14.14 9.78
N ASP A 234 13.87 13.69 9.03
CA ASP A 234 13.91 13.60 7.58
C ASP A 234 14.24 14.98 6.98
N VAL A 235 13.51 15.99 7.40
CA VAL A 235 13.65 17.35 6.86
C VAL A 235 14.98 17.93 7.27
N ALA A 236 15.41 17.66 8.50
CA ALA A 236 16.68 18.22 8.95
C ALA A 236 17.85 17.71 8.08
N ARG A 237 17.84 16.43 7.75
CA ARG A 237 18.91 15.81 6.95
C ARG A 237 18.94 16.35 5.54
N TYR A 238 17.75 16.55 5.00
CA TYR A 238 17.59 17.12 3.71
C TYR A 238 18.21 18.47 3.71
N ARG A 239 17.87 19.32 4.69
CA ARG A 239 18.38 20.70 4.71
C ARG A 239 19.88 20.69 4.90
N ALA A 240 20.39 19.76 5.70
CA ALA A 240 21.83 19.60 5.85
C ALA A 240 22.52 19.15 4.55
N GLY A 241 21.74 18.81 3.53
CA GLY A 241 22.26 18.29 2.29
C GLY A 241 22.70 16.83 2.34
N ASP A 242 22.26 16.08 3.35
CA ASP A 242 22.60 14.67 3.45
C ASP A 242 21.58 13.68 2.92
N LEU A 243 20.46 14.18 2.38
CA LEU A 243 19.59 13.36 1.58
C LEU A 243 18.88 14.20 0.55
N ASP A 244 18.47 13.54 -0.51
CA ASP A 244 17.99 14.22 -1.70
C ASP A 244 16.49 14.18 -1.91
N MET A 245 15.83 13.20 -1.31
CA MET A 245 14.38 13.14 -1.30
C MET A 245 13.94 12.57 0.03
N THR A 246 12.97 13.22 0.62
CA THR A 246 12.33 12.70 1.81
C THR A 246 11.38 11.60 1.45
N SER A 247 10.96 10.90 2.51
CA SER A 247 9.79 10.05 2.46
C SER A 247 8.56 10.92 2.30
N TYR A 248 7.39 10.28 2.31
CA TYR A 248 6.16 10.98 1.94
C TYR A 248 5.41 11.56 3.13
N GLY A 249 6.12 11.98 4.17
CA GLY A 249 5.53 12.81 5.26
C GLY A 249 6.42 13.99 5.64
N LEU A 250 5.79 15.15 5.88
CA LEU A 250 6.49 16.39 6.29
C LEU A 250 5.86 17.00 7.57
N PRO A 251 6.70 17.67 8.42
CA PRO A 251 6.12 18.23 9.68
C PRO A 251 5.10 19.30 9.37
N PRO A 252 3.90 19.20 9.94
CA PRO A 252 2.93 20.26 9.60
C PRO A 252 3.35 21.63 10.14
N GLU A 253 4.10 21.65 11.24
CA GLU A 253 4.61 22.92 11.81
C GLU A 253 5.51 23.72 10.84
N GLN A 254 6.37 23.04 10.10
CA GLN A 254 7.36 23.68 9.23
C GLN A 254 6.84 23.90 7.82
N PHE A 255 5.65 23.40 7.54
CA PHE A 255 5.24 23.16 6.16
C PHE A 255 5.01 24.40 5.31
N ALA A 256 4.26 25.37 5.85
CA ALA A 256 4.03 26.65 5.18
C ALA A 256 5.34 27.36 4.90
N LYS A 257 6.26 27.29 5.86
CA LYS A 257 7.61 27.84 5.68
C LYS A 257 8.38 27.11 4.57
N LEU A 258 8.50 25.79 4.70
CA LEU A 258 9.22 25.00 3.70
C LEU A 258 8.75 25.34 2.28
N LYS A 259 7.44 25.44 2.09
CA LYS A 259 6.91 25.76 0.76
C LYS A 259 7.45 27.06 0.18
N LYS A 260 7.56 28.10 1.01
CA LYS A 260 7.99 29.42 0.55
C LYS A 260 9.51 29.48 0.46
N GLU A 261 10.18 28.98 1.49
CA GLU A 261 11.65 28.96 1.57
C GLU A 261 12.29 28.01 0.50
N LEU A 262 11.73 26.83 0.30
CA LEU A 262 12.30 25.83 -0.63
C LEU A 262 11.42 25.66 -1.84
N LEU A 263 10.92 26.79 -2.35
CA LEU A 263 10.00 26.81 -3.45
C LEU A 263 10.58 25.97 -4.55
N GLY A 264 9.76 25.17 -5.20
CA GLY A 264 10.25 24.29 -6.26
C GLY A 264 10.63 22.93 -5.73
N GLU A 265 11.07 22.84 -4.46
CA GLU A 265 11.47 21.56 -3.89
C GLU A 265 10.33 20.83 -3.20
N VAL A 266 9.21 21.50 -3.00
CA VAL A 266 8.13 20.84 -2.26
C VAL A 266 7.17 20.28 -3.26
N TYR A 267 7.02 18.96 -3.22
CA TYR A 267 6.08 18.23 -4.04
C TYR A 267 4.95 17.70 -3.18
N VAL A 268 3.76 17.76 -3.73
CA VAL A 268 2.59 17.22 -3.08
C VAL A 268 1.82 16.51 -4.18
N THR A 269 1.89 15.18 -4.16
CA THR A 269 1.12 14.34 -5.06
C THR A 269 -0.24 13.98 -4.45
N ARG A 270 -1.30 14.09 -5.24
CA ARG A 270 -2.62 13.63 -4.86
C ARG A 270 -2.63 12.11 -5.05
N THR A 271 -2.70 11.33 -3.97
CA THR A 271 -2.57 9.90 -4.13
C THR A 271 -3.85 9.16 -3.78
N LEU A 272 -3.99 8.00 -4.42
CA LEU A 272 -5.08 7.07 -4.17
C LEU A 272 -4.75 6.29 -2.91
N GLY A 273 -4.97 6.95 -1.77
CA GLY A 273 -4.71 6.43 -0.44
C GLY A 273 -5.72 6.95 0.59
N THR A 274 -5.98 6.12 1.58
CA THR A 274 -6.84 6.46 2.71
C THR A 274 -6.13 6.15 4.04
N TYR A 275 -6.07 7.15 4.90
CA TYR A 275 -5.63 7.04 6.29
C TYR A 275 -6.85 6.73 7.15
N SER A 276 -6.77 5.68 7.96
CA SER A 276 -7.87 5.22 8.84
C SER A 276 -7.40 4.77 10.25
N TYR A 277 -8.31 4.77 11.20
CA TYR A 277 -8.15 3.89 12.35
C TYR A 277 -8.97 2.65 12.12
N GLU A 278 -8.27 1.55 12.01
CA GLU A 278 -8.88 0.25 11.87
C GLU A 278 -9.29 -0.27 13.29
N LEU A 279 -10.55 -0.70 13.40
CA LEU A 279 -11.05 -1.28 14.65
C LEU A 279 -10.97 -2.79 14.55
N ASN A 280 -10.54 -3.45 15.62
CA ASN A 280 -10.45 -4.91 15.61
C ASN A 280 -11.85 -5.51 15.75
N ASN A 281 -12.46 -5.89 14.63
CA ASN A 281 -13.90 -6.20 14.63
C ASN A 281 -14.28 -7.48 15.41
N LYS A 282 -13.31 -8.26 15.89
CA LYS A 282 -13.60 -9.47 16.66
C LYS A 282 -13.07 -9.46 18.10
N LYS A 283 -12.67 -8.30 18.59
CA LYS A 283 -12.15 -8.13 19.95
C LYS A 283 -13.14 -7.24 20.63
N ALA A 284 -13.55 -7.65 21.83
CA ALA A 284 -14.43 -6.81 22.63
C ALA A 284 -13.66 -5.52 22.98
N PRO A 285 -14.25 -4.34 22.86
CA PRO A 285 -15.68 -4.16 22.64
C PRO A 285 -16.03 -3.68 21.22
N PHE A 286 -15.08 -3.76 20.28
CA PHE A 286 -15.25 -3.27 18.90
C PHE A 286 -16.02 -4.24 18.00
N ASP A 287 -16.25 -5.45 18.50
CA ASP A 287 -17.23 -6.33 17.90
C ASP A 287 -18.66 -5.81 18.10
N ASN A 288 -18.84 -4.79 18.93
CA ASN A 288 -20.14 -4.08 19.06
C ASN A 288 -20.27 -2.94 18.06
N VAL A 289 -21.15 -3.10 17.09
CA VAL A 289 -21.41 -2.05 16.11
C VAL A 289 -21.75 -0.69 16.73
N ASN A 290 -22.47 -0.67 17.83
CA ASN A 290 -22.83 0.59 18.48
C ASN A 290 -21.61 1.37 18.89
N ILE A 291 -20.61 0.65 19.42
CA ILE A 291 -19.37 1.28 19.86
C ILE A 291 -18.55 1.78 18.68
N ARG A 292 -18.46 0.94 17.63
CA ARG A 292 -17.82 1.35 16.40
C ARG A 292 -18.51 2.58 15.81
N LYS A 293 -19.85 2.67 15.93
CA LYS A 293 -20.57 3.85 15.44
C LYS A 293 -20.24 5.08 16.28
N ALA A 294 -20.14 4.93 17.58
CA ALA A 294 -19.87 6.09 18.44
C ALA A 294 -18.55 6.76 18.06
N LEU A 295 -17.56 5.94 17.73
CA LEU A 295 -16.21 6.44 17.49
C LEU A 295 -16.16 7.23 16.21
N ASN A 296 -16.87 6.72 15.22
CA ASN A 296 -16.99 7.39 13.96
C ASN A 296 -17.70 8.73 14.15
N LEU A 297 -18.78 8.74 14.93
CA LEU A 297 -19.60 9.95 15.10
C LEU A 297 -18.82 11.06 15.81
N SER A 298 -18.11 10.71 16.87
CA SER A 298 -17.42 11.68 17.69
C SER A 298 -16.02 12.11 17.18
N LEU A 299 -15.51 11.56 16.08
CA LEU A 299 -14.23 12.03 15.54
C LEU A 299 -14.38 13.10 14.45
N ASP A 300 -13.89 14.30 14.73
CA ASP A 300 -13.96 15.40 13.78
C ASP A 300 -12.80 15.32 12.80
N ARG A 301 -13.10 14.91 11.57
CA ARG A 301 -12.08 14.76 10.53
C ARG A 301 -11.43 16.08 10.13
N ASN A 302 -12.24 17.13 10.03
CA ASN A 302 -11.73 18.44 9.67
C ASN A 302 -10.73 18.98 10.71
N VAL A 303 -10.83 18.56 11.96
CA VAL A 303 -9.81 18.95 12.92
C VAL A 303 -8.45 18.40 12.51
N ILE A 304 -8.42 17.18 11.97
CA ILE A 304 -7.15 16.52 11.64
C ILE A 304 -6.58 17.02 10.31
N THR A 305 -7.42 17.13 9.28
CA THR A 305 -6.95 17.60 7.99
C THR A 305 -6.60 19.10 8.00
N ASP A 306 -7.30 19.88 8.84
CA ASP A 306 -7.10 21.33 8.83
C ASP A 306 -6.14 21.83 9.91
N LYS A 307 -6.37 21.52 11.18
CA LYS A 307 -5.47 22.06 12.24
C LYS A 307 -4.28 21.18 12.58
N VAL A 308 -4.38 19.87 12.37
CA VAL A 308 -3.27 19.00 12.76
C VAL A 308 -2.28 18.88 11.61
N LEU A 309 -2.79 18.73 10.39
CA LEU A 309 -1.94 18.50 9.24
C LEU A 309 -1.83 19.72 8.33
N GLY A 310 -2.95 20.10 7.72
CA GLY A 310 -3.00 21.27 6.86
C GLY A 310 -2.11 21.26 5.62
N GLN A 311 -1.97 20.10 4.99
CA GLN A 311 -1.07 19.98 3.84
C GLN A 311 -1.82 19.69 2.55
N GLY A 312 -3.15 19.62 2.63
CA GLY A 312 -3.96 19.30 1.46
C GLY A 312 -4.71 18.00 1.63
N GLN A 313 -4.41 17.25 2.67
CA GLN A 313 -5.20 16.07 2.96
C GLN A 313 -6.69 16.46 3.03
N THR A 314 -7.56 15.65 2.43
CA THR A 314 -9.02 15.90 2.48
C THR A 314 -9.80 14.92 3.38
N PRO A 315 -10.75 15.45 4.17
CA PRO A 315 -11.54 14.59 5.09
C PRO A 315 -12.35 13.54 4.32
N THR A 316 -12.46 12.33 4.87
CA THR A 316 -13.25 11.26 4.26
C THR A 316 -13.91 10.37 5.32
N TYR A 317 -15.05 9.82 4.95
CA TYR A 317 -15.81 8.98 5.86
C TYR A 317 -16.02 7.60 5.23
N VAL A 318 -15.36 7.33 4.11
CA VAL A 318 -15.39 6.00 3.50
C VAL A 318 -13.97 5.53 3.17
N PHE A 319 -13.84 4.25 2.88
CA PHE A 319 -12.52 3.66 2.64
C PHE A 319 -11.98 4.01 1.25
N THR A 320 -12.78 3.73 0.22
CA THR A 320 -12.37 3.99 -1.17
C THR A 320 -12.25 5.48 -1.44
N PRO A 321 -11.14 5.92 -2.08
CA PRO A 321 -11.12 7.31 -2.51
C PRO A 321 -12.12 7.43 -3.64
N THR A 322 -13.01 8.40 -3.57
CA THR A 322 -14.09 8.51 -4.55
C THR A 322 -13.61 9.03 -5.90
N TYR A 323 -12.46 9.67 -5.92
CA TYR A 323 -11.83 10.13 -7.17
C TYR A 323 -11.18 8.98 -7.95
N ILE A 324 -11.19 7.76 -7.42
CA ILE A 324 -10.56 6.63 -8.08
C ILE A 324 -11.45 6.12 -9.20
N GLU A 325 -10.85 5.51 -10.21
CA GLU A 325 -11.62 5.02 -11.35
C GLU A 325 -12.73 4.05 -10.91
N GLU A 326 -13.95 4.40 -11.32
CA GLU A 326 -15.18 3.69 -11.00
C GLU A 326 -15.64 3.86 -9.54
N GLY A 327 -15.09 4.88 -8.87
CA GLY A 327 -15.52 5.22 -7.53
C GLY A 327 -16.55 6.34 -7.48
N HIS A 328 -16.94 6.90 -8.61
CA HIS A 328 -17.78 8.12 -8.65
C HIS A 328 -19.16 7.93 -7.98
N LEU A 329 -19.69 6.72 -7.97
CA LEU A 329 -20.99 6.52 -7.35
C LEU A 329 -20.96 6.33 -5.82
N ILE A 330 -19.76 6.14 -5.24
CA ILE A 330 -19.61 6.03 -3.80
C ILE A 330 -20.06 7.33 -3.11
N GLN A 331 -20.97 7.21 -2.13
CA GLN A 331 -21.54 8.36 -1.41
C GLN A 331 -20.96 8.47 -0.02
N GLN A 332 -20.63 9.69 0.41
CA GLN A 332 -20.20 9.88 1.80
C GLN A 332 -21.43 9.65 2.69
N PRO A 333 -21.27 9.02 3.87
CA PRO A 333 -22.43 8.71 4.71
C PRO A 333 -23.10 9.97 5.27
N ALA A 334 -24.37 9.84 5.65
CA ALA A 334 -25.19 10.98 6.07
C ALA A 334 -24.70 11.64 7.35
N TYR A 335 -24.25 10.87 8.35
CA TYR A 335 -23.80 11.49 9.60
C TYR A 335 -22.73 12.50 9.35
N SER A 336 -21.95 12.31 8.29
CA SER A 336 -20.86 13.24 8.00
C SER A 336 -21.35 14.64 7.63
N LYS A 337 -22.65 14.80 7.39
CA LYS A 337 -23.25 16.12 7.12
C LYS A 337 -24.06 16.71 8.28
N GLU A 338 -24.09 16.03 9.44
CA GLU A 338 -24.82 16.55 10.61
C GLU A 338 -23.87 17.42 11.41
N PRO A 339 -24.38 18.49 12.04
CA PRO A 339 -23.56 19.27 12.99
C PRO A 339 -22.81 18.38 14.00
N MET A 340 -21.59 18.74 14.37
CA MET A 340 -20.79 17.92 15.33
C MET A 340 -21.52 17.70 16.65
N ALA A 341 -22.36 18.65 17.05
CA ALA A 341 -22.98 18.61 18.38
C ALA A 341 -24.05 17.53 18.42
N GLN A 342 -24.76 17.39 17.32
CA GLN A 342 -25.72 16.33 17.13
C GLN A 342 -25.02 14.93 17.01
N ARG A 343 -23.92 14.87 16.25
CA ARG A 343 -23.10 13.63 16.16
C ARG A 343 -22.57 13.19 17.54
N ASN A 344 -22.06 14.15 18.32
CA ASN A 344 -21.50 13.88 19.66
C ASN A 344 -22.56 13.43 20.68
N GLU A 345 -23.74 14.06 20.60
CA GLU A 345 -24.85 13.67 21.44
C GLU A 345 -25.22 12.20 21.17
N GLU A 346 -25.29 11.83 19.90
CA GLU A 346 -25.59 10.44 19.50
C GLU A 346 -24.49 9.47 19.98
N ALA A 347 -23.24 9.88 19.84
CA ALA A 347 -22.15 9.06 20.29
C ALA A 347 -22.26 8.80 21.78
N ILE A 348 -22.49 9.87 22.55
CA ILE A 348 -22.63 9.76 24.01
C ILE A 348 -23.76 8.80 24.40
N LYS A 349 -24.95 9.02 23.84
CA LYS A 349 -26.04 8.09 23.95
C LYS A 349 -25.56 6.66 23.75
N LEU A 350 -24.88 6.40 22.63
CA LEU A 350 -24.44 5.01 22.32
C LEU A 350 -23.49 4.46 23.38
N LEU A 351 -22.56 5.28 23.86
CA LEU A 351 -21.57 4.82 24.84
C LEU A 351 -22.22 4.59 26.19
N GLU A 352 -23.25 5.36 26.46
CA GLU A 352 -23.96 5.21 27.73
C GLU A 352 -24.84 3.98 27.71
N GLU A 353 -25.50 3.77 26.58
CA GLU A 353 -26.24 2.53 26.35
C GLU A 353 -25.36 1.28 26.48
N ALA A 354 -24.08 1.41 26.11
CA ALA A 354 -23.09 0.34 26.24
C ALA A 354 -22.38 0.31 27.61
N GLY A 355 -22.79 1.19 28.52
CA GLY A 355 -22.38 1.10 29.91
C GLY A 355 -21.11 1.84 30.30
N TYR A 356 -20.75 2.87 29.53
CA TYR A 356 -19.64 3.74 29.88
C TYR A 356 -20.12 4.99 30.58
N SER A 357 -19.24 5.54 31.43
CA SER A 357 -19.44 6.78 32.24
C SER A 357 -18.07 7.49 32.38
N LYS A 358 -18.04 8.67 33.00
CA LYS A 358 -16.73 9.32 33.34
C LYS A 358 -15.91 8.46 34.28
N ALA A 359 -16.57 7.85 35.27
CA ALA A 359 -15.91 6.98 36.23
C ALA A 359 -15.44 5.66 35.62
N ASN A 360 -16.22 5.13 34.67
CA ASN A 360 -15.89 3.89 33.95
C ASN A 360 -15.93 4.14 32.43
N PRO A 361 -14.87 4.75 31.88
CA PRO A 361 -14.88 5.04 30.45
C PRO A 361 -14.45 3.84 29.56
N LEU A 362 -14.74 3.98 28.28
CA LEU A 362 -14.18 3.10 27.27
C LEU A 362 -12.67 3.35 27.18
N LYS A 363 -11.89 2.37 27.59
CA LYS A 363 -10.44 2.48 27.60
C LYS A 363 -9.87 1.60 26.50
N PHE A 364 -8.99 2.17 25.68
CA PHE A 364 -8.23 1.39 24.71
C PHE A 364 -6.98 2.16 24.27
N SER A 365 -6.15 1.50 23.46
CA SER A 365 -4.93 2.10 22.92
C SER A 365 -4.97 2.19 21.42
N ILE A 366 -4.45 3.29 20.89
CA ILE A 366 -4.16 3.40 19.48
C ILE A 366 -2.75 2.92 19.24
N LEU A 367 -2.64 1.80 18.53
CA LEU A 367 -1.38 1.33 17.98
C LEU A 367 -1.02 2.06 16.68
N TYR A 368 0.19 2.60 16.61
CA TYR A 368 0.71 3.22 15.40
C TYR A 368 2.20 2.94 15.31
N ASN A 369 2.72 3.02 14.09
CA ASN A 369 4.15 2.90 13.86
C ASN A 369 4.80 4.23 14.21
N THR A 370 5.88 4.11 15.00
CA THR A 370 6.72 5.24 15.45
C THR A 370 6.96 6.23 14.33
N ASN A 371 6.56 7.49 14.54
CA ASN A 371 6.48 8.52 13.46
C ASN A 371 5.75 9.66 14.09
N GLU A 372 6.37 10.83 14.14
CA GLU A 372 5.86 11.91 14.94
C GLU A 372 4.57 12.43 14.31
N ASN A 373 4.40 12.33 12.99
CA ASN A 373 3.13 12.83 12.39
C ASN A 373 1.94 11.95 12.82
N HIS A 374 2.16 10.65 12.95
CA HIS A 374 1.12 9.73 13.39
C HIS A 374 0.80 9.93 14.85
N LYS A 375 1.86 10.16 15.64
CA LYS A 375 1.69 10.54 17.02
C LYS A 375 0.85 11.79 17.13
N LYS A 376 1.14 12.78 16.32
CA LYS A 376 0.34 13.99 16.38
C LYS A 376 -1.14 13.73 16.09
N VAL A 377 -1.43 12.86 15.12
CA VAL A 377 -2.82 12.58 14.74
C VAL A 377 -3.47 11.73 15.86
N ALA A 378 -2.71 10.82 16.47
CA ALA A 378 -3.22 9.99 17.55
C ALA A 378 -3.58 10.85 18.75
N ILE A 379 -2.74 11.83 19.08
CA ILE A 379 -3.04 12.73 20.19
C ILE A 379 -4.28 13.52 19.88
N ALA A 380 -4.37 14.08 18.69
CA ALA A 380 -5.60 14.80 18.29
C ALA A 380 -6.83 13.94 18.43
N ALA A 381 -6.76 12.68 17.99
CA ALA A 381 -7.93 11.79 18.01
C ALA A 381 -8.36 11.43 19.44
N ALA A 382 -7.38 11.06 20.26
CA ALA A 382 -7.57 10.80 21.67
C ALA A 382 -8.16 12.02 22.36
N SER A 383 -7.62 13.18 22.02
CA SER A 383 -8.12 14.42 22.56
C SER A 383 -9.60 14.61 22.15
N MET A 384 -9.90 14.57 20.86
CA MET A 384 -11.29 14.76 20.42
C MET A 384 -12.24 13.73 21.02
N TRP A 385 -11.77 12.50 21.19
CA TRP A 385 -12.64 11.45 21.65
C TRP A 385 -13.04 11.64 23.12
N LYS A 386 -12.09 11.96 23.99
CA LYS A 386 -12.41 12.29 25.39
C LYS A 386 -13.39 13.45 25.45
N ALA A 387 -13.03 14.55 24.80
CA ALA A 387 -13.79 15.81 24.91
C ALA A 387 -15.16 15.80 24.23
N ASN A 388 -15.25 15.27 23.01
CA ASN A 388 -16.53 15.17 22.31
C ASN A 388 -17.56 14.24 23.01
N THR A 389 -17.07 13.33 23.85
CA THR A 389 -17.94 12.43 24.59
C THR A 389 -18.03 12.76 26.08
N LYS A 390 -17.53 13.92 26.47
CA LYS A 390 -17.56 14.35 27.85
C LYS A 390 -16.97 13.32 28.80
N GLY A 391 -15.85 12.73 28.41
CA GLY A 391 -15.12 11.84 29.33
C GLY A 391 -15.50 10.37 29.25
N LEU A 392 -16.38 10.01 28.32
CA LEU A 392 -16.75 8.60 28.15
C LEU A 392 -15.69 7.71 27.44
N ILE A 393 -14.79 8.34 26.67
CA ILE A 393 -13.66 7.62 26.07
C ILE A 393 -12.34 8.08 26.70
N ASP A 394 -11.43 7.13 26.95
CA ASP A 394 -10.07 7.44 27.40
C ASP A 394 -9.05 6.60 26.64
N VAL A 395 -8.25 7.22 25.77
CA VAL A 395 -7.35 6.53 24.84
C VAL A 395 -5.88 6.59 25.30
N LYS A 396 -5.17 5.48 25.31
CA LYS A 396 -3.71 5.51 25.44
C LYS A 396 -3.07 5.36 24.06
N LEU A 397 -1.79 5.74 23.98
CA LEU A 397 -1.04 5.66 22.75
C LEU A 397 0.01 4.58 22.91
N GLU A 398 0.12 3.72 21.91
CA GLU A 398 1.12 2.70 21.86
C GLU A 398 1.83 2.79 20.51
N ASN A 399 3.01 3.41 20.49
CA ASN A 399 3.83 3.39 19.31
C ASN A 399 4.64 2.09 19.29
N GLN A 400 4.78 1.51 18.09
CA GLN A 400 5.70 0.40 17.89
C GLN A 400 6.54 0.62 16.62
N GLU A 401 7.70 -0.03 16.59
CA GLU A 401 8.54 -0.04 15.40
C GLU A 401 7.75 -0.67 14.29
N TRP A 402 8.02 -0.24 13.06
CA TRP A 402 7.35 -0.71 11.83
C TRP A 402 7.12 -2.21 11.76
N LYS A 403 8.18 -2.99 11.92
CA LYS A 403 8.04 -4.45 11.82
C LYS A 403 7.13 -4.97 12.91
N THR A 404 7.29 -4.44 14.12
CA THR A 404 6.53 -4.93 15.29
C THR A 404 5.05 -4.52 15.18
N TYR A 405 4.82 -3.32 14.65
CA TYR A 405 3.48 -2.79 14.42
C TYR A 405 2.73 -3.63 13.39
N ILE A 406 3.40 -3.92 12.26
CA ILE A 406 2.82 -4.78 11.22
C ILE A 406 2.49 -6.14 11.80
N ASP A 407 3.42 -6.70 12.58
CA ASP A 407 3.18 -8.01 13.21
C ASP A 407 1.97 -8.06 14.16
N SER A 408 1.84 -7.03 15.00
CA SER A 408 0.69 -6.93 15.92
C SER A 408 -0.66 -6.80 15.22
N ARG A 409 -0.70 -6.00 14.15
CA ARG A 409 -1.97 -5.82 13.40
C ARG A 409 -2.41 -7.14 12.83
N ARG A 410 -1.46 -7.83 12.22
CA ARG A 410 -1.69 -9.11 11.57
C ARG A 410 -2.04 -10.21 12.58
N ALA A 411 -1.44 -10.18 13.76
CA ALA A 411 -1.80 -11.18 14.77
C ALA A 411 -3.07 -10.75 15.49
N GLY A 412 -3.55 -9.54 15.22
CA GLY A 412 -4.76 -9.05 15.86
C GLY A 412 -4.52 -8.67 17.31
N ARG A 413 -3.28 -8.35 17.66
CA ARG A 413 -2.94 -7.92 19.02
C ARG A 413 -3.03 -6.40 19.10
N TYR A 414 -4.25 -5.89 18.96
CA TYR A 414 -4.54 -4.46 18.97
C TYR A 414 -6.05 -4.23 19.15
N ASP A 415 -6.42 -3.02 19.59
CA ASP A 415 -7.82 -2.59 19.70
C ASP A 415 -8.15 -1.73 18.51
N VAL A 416 -7.38 -0.66 18.40
CA VAL A 416 -7.47 0.29 17.32
C VAL A 416 -6.07 0.54 16.81
N ALA A 417 -5.91 0.55 15.48
CA ALA A 417 -4.58 0.70 14.87
C ALA A 417 -4.64 1.71 13.78
N ARG A 418 -3.68 2.61 13.75
CA ARG A 418 -3.48 3.42 12.54
C ARG A 418 -3.25 2.53 11.34
N ALA A 419 -3.86 2.92 10.23
CA ALA A 419 -3.81 2.16 9.00
C ALA A 419 -3.88 3.09 7.74
N GLY A 420 -2.95 2.93 6.83
CA GLY A 420 -2.96 3.65 5.56
C GLY A 420 -3.04 2.57 4.48
N TRP A 421 -3.97 2.72 3.57
CA TRP A 421 -4.03 1.82 2.42
C TRP A 421 -3.82 2.61 1.15
N HIS A 422 -2.81 2.22 0.38
CA HIS A 422 -2.43 2.86 -0.84
C HIS A 422 -2.77 1.92 -1.97
N ALA A 423 -3.47 2.45 -2.96
CA ALA A 423 -3.87 1.67 -4.11
C ALA A 423 -2.71 0.83 -4.70
N ASP A 424 -2.97 -0.46 -4.90
CA ASP A 424 -2.14 -1.33 -5.72
C ASP A 424 -2.42 -1.22 -7.23
N TYR A 425 -3.58 -0.69 -7.59
CA TYR A 425 -3.85 -0.37 -8.98
C TYR A 425 -4.99 0.62 -9.00
N ASN A 426 -5.06 1.39 -10.07
CA ASN A 426 -5.88 2.58 -10.09
C ASN A 426 -7.32 2.26 -10.51
N GLN A 427 -7.94 1.40 -9.72
CA GLN A 427 -9.31 0.96 -9.94
C GLN A 427 -9.93 0.59 -8.58
N ALA A 428 -11.17 0.98 -8.39
CA ALA A 428 -11.80 0.99 -7.06
C ALA A 428 -11.61 -0.30 -6.26
N THR A 429 -11.56 -1.46 -6.93
CA THR A 429 -11.51 -2.72 -6.23
C THR A 429 -10.25 -2.92 -5.41
N THR A 430 -9.16 -2.24 -5.74
CA THR A 430 -7.95 -2.34 -4.87
C THR A 430 -8.28 -1.96 -3.40
N PHE A 431 -9.29 -1.11 -3.21
CA PHE A 431 -9.84 -0.86 -1.86
C PHE A 431 -10.96 -1.83 -1.51
N GLY A 432 -11.99 -1.88 -2.35
CA GLY A 432 -13.12 -2.76 -2.08
C GLY A 432 -12.70 -4.15 -1.63
N ASN A 433 -11.66 -4.70 -2.25
CA ASN A 433 -11.27 -6.11 -2.00
C ASN A 433 -10.66 -6.36 -0.62
N TYR A 434 -10.20 -5.29 0.01
CA TYR A 434 -9.53 -5.34 1.29
C TYR A 434 -10.43 -5.93 2.36
N PHE A 435 -11.73 -5.63 2.24
CA PHE A 435 -12.70 -5.95 3.28
C PHE A 435 -13.49 -7.18 3.03
N LEU A 436 -13.13 -7.96 2.01
CA LEU A 436 -13.74 -9.25 1.84
C LEU A 436 -13.39 -10.12 3.06
N SER A 437 -14.36 -10.91 3.50
CA SER A 437 -14.20 -11.83 4.65
C SER A 437 -12.93 -12.61 4.60
N ASN A 438 -12.62 -13.09 3.41
CA ASN A 438 -11.52 -14.02 3.17
C ASN A 438 -10.30 -13.35 2.56
N SER A 439 -10.22 -12.02 2.58
CA SER A 439 -9.02 -11.34 2.06
C SER A 439 -7.84 -11.44 3.03
N SER A 440 -6.71 -11.97 2.59
CA SER A 440 -5.50 -12.04 3.43
C SER A 440 -5.04 -10.66 3.90
N ASN A 441 -5.60 -9.59 3.35
CA ASN A 441 -5.20 -8.23 3.69
C ASN A 441 -6.03 -7.63 4.85
N ASN A 442 -7.16 -8.27 5.16
CA ASN A 442 -8.21 -7.78 6.05
C ASN A 442 -7.82 -7.95 7.51
N THR A 443 -6.89 -7.12 7.99
CA THR A 443 -6.46 -7.22 9.38
C THR A 443 -7.48 -6.66 10.38
N ALA A 444 -8.53 -5.99 9.90
CA ALA A 444 -9.69 -5.63 10.69
C ALA A 444 -10.57 -6.83 11.17
N LYS A 445 -10.49 -7.99 10.51
CA LYS A 445 -11.41 -9.08 10.72
C LYS A 445 -12.87 -8.64 10.53
N TYR A 446 -13.11 -7.73 9.60
CA TYR A 446 -14.47 -7.41 9.20
C TYR A 446 -14.95 -8.56 8.34
N ALA A 447 -16.15 -9.03 8.59
CA ALA A 447 -16.71 -10.13 7.83
C ALA A 447 -18.21 -9.90 7.71
N ASN A 448 -18.71 -9.63 6.50
CA ASN A 448 -20.17 -9.47 6.31
C ASN A 448 -20.51 -10.13 4.98
N PRO A 449 -21.27 -11.20 5.01
CA PRO A 449 -21.66 -11.89 3.79
C PRO A 449 -22.27 -10.98 2.73
N GLU A 450 -22.97 -9.94 3.13
CA GLU A 450 -23.59 -9.05 2.14
C GLU A 450 -22.57 -8.16 1.42
N TYR A 451 -21.44 -7.90 2.09
CA TYR A 451 -20.34 -7.12 1.49
C TYR A 451 -19.72 -7.96 0.38
N ASP A 452 -19.26 -9.17 0.77
CA ASP A 452 -18.78 -10.18 -0.12
C ASP A 452 -19.66 -10.37 -1.34
N LYS A 453 -20.96 -10.53 -1.14
CA LYS A 453 -21.91 -10.62 -2.26
C LYS A 453 -21.92 -9.38 -3.15
N ALA A 454 -21.83 -8.20 -2.57
CA ALA A 454 -21.83 -6.99 -3.39
C ALA A 454 -20.59 -6.95 -4.30
N MET A 455 -19.44 -7.33 -3.75
CA MET A 455 -18.18 -7.31 -4.50
C MET A 455 -18.12 -8.46 -5.52
N ALA A 456 -18.62 -9.64 -5.13
CA ALA A 456 -18.72 -10.75 -6.07
C ALA A 456 -19.53 -10.39 -7.33
N GLU A 457 -20.60 -9.62 -7.17
CA GLU A 457 -21.51 -9.33 -8.29
C GLU A 457 -21.03 -8.15 -9.13
N SER A 458 -19.94 -7.52 -8.69
CA SER A 458 -19.25 -6.53 -9.50
C SER A 458 -18.37 -7.20 -10.54
N TYR A 459 -17.94 -8.42 -10.21
CA TYR A 459 -16.92 -9.15 -10.96
C TYR A 459 -17.47 -9.83 -12.22
N ALA A 460 -18.79 -9.81 -12.40
CA ALA A 460 -19.39 -10.23 -13.68
C ALA A 460 -20.32 -9.14 -14.18
N ALA A 461 -19.97 -7.89 -13.91
CA ALA A 461 -20.57 -6.76 -14.60
C ALA A 461 -19.67 -6.50 -15.79
N THR A 462 -20.28 -6.17 -16.93
CA THR A 462 -19.53 -6.06 -18.19
C THR A 462 -19.42 -4.61 -18.70
N ASP A 463 -19.66 -3.64 -17.82
CA ASP A 463 -19.27 -2.25 -18.08
C ASP A 463 -19.07 -1.45 -16.78
N ALA A 464 -18.47 -0.28 -16.93
CA ALA A 464 -18.07 0.56 -15.81
C ALA A 464 -19.21 0.89 -14.89
N GLU A 465 -20.34 1.27 -15.46
CA GLU A 465 -21.48 1.71 -14.66
C GLU A 465 -21.90 0.63 -13.69
N GLY A 466 -22.08 -0.58 -14.22
CA GLY A 466 -22.48 -1.72 -13.43
C GLY A 466 -21.49 -2.00 -12.31
N ARG A 467 -20.20 -1.87 -12.58
CA ARG A 467 -19.20 -2.13 -11.55
C ARG A 467 -19.26 -1.06 -10.48
N ALA A 468 -19.42 0.19 -10.91
CA ALA A 468 -19.42 1.34 -10.01
C ALA A 468 -20.57 1.29 -9.01
N LYS A 469 -21.73 0.78 -9.45
CA LYS A 469 -22.91 0.57 -8.60
C LYS A 469 -22.69 -0.46 -7.50
N ALA A 470 -22.06 -1.58 -7.86
CA ALA A 470 -21.69 -2.61 -6.88
C ALA A 470 -20.75 -2.05 -5.80
N TYR A 471 -19.76 -1.24 -6.22
CA TYR A 471 -18.78 -0.68 -5.29
C TYR A 471 -19.47 0.32 -4.35
N ALA A 472 -20.44 1.09 -4.86
CA ALA A 472 -21.21 1.99 -4.02
C ALA A 472 -22.04 1.22 -2.99
N LYS A 473 -22.69 0.14 -3.41
CA LYS A 473 -23.39 -0.71 -2.46
C LYS A 473 -22.39 -1.31 -1.44
N ALA A 474 -21.23 -1.78 -1.87
CA ALA A 474 -20.29 -2.43 -0.94
C ALA A 474 -19.85 -1.41 0.13
N GLU A 475 -19.54 -0.21 -0.35
CA GLU A 475 -19.10 0.85 0.53
C GLU A 475 -20.25 1.28 1.48
N GLU A 476 -21.50 1.18 1.01
CA GLU A 476 -22.65 1.45 1.87
C GLU A 476 -22.77 0.41 2.98
N ILE A 477 -22.56 -0.86 2.68
CA ILE A 477 -22.65 -1.91 3.69
C ILE A 477 -21.54 -1.78 4.76
N LEU A 478 -20.30 -1.55 4.31
CA LEU A 478 -19.17 -1.32 5.21
C LEU A 478 -19.40 -0.09 6.08
N GLY A 479 -20.04 0.93 5.51
CA GLY A 479 -20.34 2.14 6.24
C GLY A 479 -21.38 1.94 7.34
N LYS A 480 -22.42 1.17 7.02
CA LYS A 480 -23.47 0.92 7.99
C LYS A 480 -22.93 0.06 9.14
N ASP A 481 -21.95 -0.80 8.86
CA ASP A 481 -21.32 -1.64 9.87
C ASP A 481 -20.25 -0.91 10.65
N TYR A 482 -19.94 0.33 10.24
CA TYR A 482 -18.86 1.11 10.83
C TYR A 482 -17.61 0.25 11.07
N GLY A 483 -17.25 -0.54 10.06
CA GLY A 483 -16.14 -1.50 10.14
C GLY A 483 -14.80 -0.92 10.56
N ILE A 484 -14.52 0.27 10.06
CA ILE A 484 -13.33 1.05 10.42
C ILE A 484 -13.68 2.53 10.68
N VAL A 485 -12.65 3.34 10.99
CA VAL A 485 -12.76 4.80 11.09
C VAL A 485 -11.88 5.48 10.03
N PRO A 486 -12.43 5.69 8.81
CA PRO A 486 -11.71 6.49 7.79
C PRO A 486 -11.52 7.93 8.27
N ILE A 487 -10.43 8.58 7.85
CA ILE A 487 -10.11 9.92 8.34
C ILE A 487 -9.83 10.87 7.18
N PHE A 488 -8.86 10.53 6.33
CA PHE A 488 -8.54 11.39 5.18
C PHE A 488 -7.95 10.64 4.02
N ASN A 489 -7.98 11.29 2.87
CA ASN A 489 -7.36 10.77 1.68
C ASN A 489 -6.00 11.45 1.59
N TYR A 490 -4.98 10.68 1.24
CA TYR A 490 -3.61 11.17 1.27
C TYR A 490 -3.29 12.23 0.25
N VAL A 491 -2.47 13.18 0.66
CA VAL A 491 -1.52 13.81 -0.26
C VAL A 491 -0.15 13.27 0.20
N ASN A 492 0.88 13.40 -0.61
CA ASN A 492 2.15 12.72 -0.31
C ASN A 492 3.17 13.82 -0.37
N PRO A 493 3.28 14.59 0.70
CA PRO A 493 4.19 15.73 0.61
C PRO A 493 5.63 15.27 0.75
N ARG A 494 6.48 15.73 -0.15
CA ARG A 494 7.88 15.31 -0.18
C ARG A 494 8.72 16.47 -0.54
N LEU A 495 9.93 16.45 -0.02
CA LEU A 495 10.94 17.39 -0.48
C LEU A 495 11.86 16.65 -1.40
N VAL A 496 12.17 17.28 -2.54
CA VAL A 496 13.01 16.71 -3.57
C VAL A 496 14.01 17.73 -4.07
N LYS A 497 15.32 17.47 -3.94
CA LYS A 497 16.35 18.44 -4.37
C LYS A 497 16.21 18.90 -5.82
N PRO A 498 16.67 20.14 -6.12
CA PRO A 498 16.42 20.65 -7.49
C PRO A 498 17.28 19.98 -8.55
N TYR A 499 18.35 19.31 -8.11
CA TYR A 499 19.17 18.55 -9.02
C TYR A 499 18.69 17.13 -9.34
N VAL A 500 17.66 16.68 -8.63
CA VAL A 500 17.02 15.41 -8.89
C VAL A 500 15.89 15.59 -9.92
N LYS A 501 15.98 14.85 -11.02
CA LYS A 501 14.92 14.85 -12.00
C LYS A 501 14.34 13.47 -12.15
N GLY A 502 13.16 13.43 -12.76
CA GLY A 502 12.38 12.24 -13.02
C GLY A 502 11.32 11.94 -11.96
N TYR A 503 11.22 12.77 -10.95
CA TYR A 503 10.12 12.63 -10.01
C TYR A 503 9.04 13.67 -10.35
N SER A 504 7.84 13.24 -10.71
CA SER A 504 6.89 14.15 -11.37
C SER A 504 5.95 14.84 -10.41
N GLY A 505 5.50 14.10 -9.40
CA GLY A 505 4.48 14.57 -8.53
C GLY A 505 3.11 14.28 -9.11
N LYS A 506 3.03 13.37 -10.07
CA LYS A 506 1.75 13.07 -10.74
C LYS A 506 1.42 11.59 -10.77
N ASP A 507 2.16 10.79 -10.03
CA ASP A 507 1.92 9.38 -9.97
C ASP A 507 0.98 9.15 -8.80
N PRO A 508 -0.25 8.67 -9.09
CA PRO A 508 -1.19 8.54 -8.00
C PRO A 508 -0.92 7.39 -7.07
N GLN A 509 0.08 6.54 -7.34
CA GLN A 509 0.59 5.59 -6.34
C GLN A 509 1.93 6.01 -5.78
N ASP A 510 2.46 7.14 -6.27
CA ASP A 510 3.72 7.75 -5.83
C ASP A 510 4.86 6.73 -5.63
N HIS A 511 5.07 5.91 -6.63
CA HIS A 511 6.21 5.02 -6.68
C HIS A 511 7.48 5.81 -7.01
N ILE A 512 8.59 5.39 -6.42
CA ILE A 512 9.91 5.83 -6.88
C ILE A 512 10.74 4.65 -7.36
N TYR A 513 11.00 4.65 -8.66
CA TYR A 513 11.87 3.71 -9.29
C TYR A 513 13.16 4.45 -9.55
N LEU A 514 14.26 3.94 -9.00
CA LEU A 514 15.54 4.54 -9.20
C LEU A 514 15.84 4.66 -10.68
N ARG A 515 15.46 3.68 -11.49
CA ARG A 515 15.67 3.75 -12.95
C ARG A 515 14.94 4.94 -13.66
N ASN A 516 14.03 5.62 -12.99
CA ASN A 516 13.28 6.76 -13.66
C ASN A 516 13.92 8.05 -13.26
N LEU A 517 14.92 8.02 -12.37
CA LEU A 517 15.58 9.25 -11.98
C LEU A 517 16.92 9.52 -12.62
N TYR A 518 17.39 10.76 -12.42
CA TYR A 518 18.71 11.20 -12.83
C TYR A 518 19.05 12.52 -12.16
N ILE A 519 20.36 12.76 -11.99
CA ILE A 519 20.90 13.96 -11.34
C ILE A 519 21.44 14.92 -12.41
N ILE A 520 21.10 16.21 -12.33
CA ILE A 520 21.65 17.22 -13.24
C ILE A 520 22.68 18.11 -12.53
N LYS A 521 23.67 18.58 -13.29
CA LYS A 521 24.68 19.57 -12.85
C LYS A 521 24.20 21.01 -12.98
N HIS A 522 24.74 21.89 -12.12
CA HIS A 522 24.72 23.38 -12.27
C HIS A 522 23.83 24.07 -11.27
N MET B 1 -1.27 -1.63 -0.71
CA MET B 1 -0.03 -1.50 0.14
C MET B 1 -0.34 -0.77 1.42
N GLY B 2 0.17 -1.31 2.54
CA GLY B 2 0.06 -0.68 3.84
C GLY B 2 1.16 0.37 3.98
N GLY B 3 0.78 1.62 4.14
CA GLY B 3 1.73 2.70 4.25
C GLY B 3 1.83 3.37 5.60
#